data_3G59
#
_entry.id   3G59
#
_cell.length_a   79.793
_cell.length_b   79.793
_cell.length_c   77.941
_cell.angle_alpha   90.000
_cell.angle_beta   90.000
_cell.angle_gamma   120.000
#
_symmetry.space_group_name_H-M   'P 32 2 1'
#
loop_
_entity.id
_entity.type
_entity.pdbx_description
1 polymer 'FMN Adenylyltransferase'
2 non-polymer "ADENOSINE-5'-TRIPHOSPHATE"
3 non-polymer 'ACETATE ION'
4 non-polymer 'PYROPHOSPHATE 2-'
5 water water
#
_entity_poly.entity_id   1
_entity_poly.type   'polypeptide(L)'
_entity_poly.pdbx_seq_one_letter_code
;GAMVMRLGDAAELCYNLTSSYLQIAAESDSIIAQTQRAINTTKSILINETFPKWSPLNGEISFSYNGGKDCQVLLLLYLS
CLWEYYIVKLSQSQFDGKFHRFPLTKLPTVFIDHDDTFKTLENFIEETSLRYSLSLYESDRDKCETMAEAFETFLQVFPE
TKAIVIGIRHTDPFGEHLKPIQKTDANWPDFYRLQPLLHWNLANIWSFLLYSNEPICELYRYGFTSLGNVEETLPNPHLR
KDKNSTPLKLNFEWEIENRYKHNEVTKAEPIPIADEDLVKIENLHEDYYPGWYLVDDKLERAGRIKKK
;
_entity_poly.pdbx_strand_id   A
#
# COMPACT_ATOMS: atom_id res chain seq x y z
N GLY A 1 -16.69 -16.99 2.86
CA GLY A 1 -16.73 -15.52 2.55
C GLY A 1 -15.35 -14.96 2.20
N ALA A 2 -15.10 -14.76 0.92
CA ALA A 2 -13.75 -14.36 0.46
C ALA A 2 -13.66 -12.97 -0.15
N MET A 3 -14.77 -12.21 -0.08
CA MET A 3 -14.88 -10.87 -0.66
C MET A 3 -14.22 -10.77 -2.06
N VAL A 4 -14.47 -11.73 -2.96
CA VAL A 4 -13.84 -11.74 -4.30
C VAL A 4 -14.59 -10.89 -5.33
N MET A 5 -13.84 -10.04 -6.05
CA MET A 5 -14.40 -9.26 -7.16
C MET A 5 -13.71 -9.62 -8.48
N ARG A 6 -14.47 -9.66 -9.57
CA ARG A 6 -13.85 -9.83 -10.90
C ARG A 6 -13.04 -8.55 -11.12
N LEU A 7 -11.99 -8.65 -11.94
CA LEU A 7 -11.08 -7.51 -12.13
C LEU A 7 -11.80 -6.22 -12.54
N GLY A 8 -12.70 -6.34 -13.52
CA GLY A 8 -13.49 -5.21 -14.02
C GLY A 8 -14.33 -4.55 -12.93
N ASP A 9 -14.98 -5.39 -12.10
CA ASP A 9 -15.78 -4.89 -10.98
C ASP A 9 -14.86 -4.22 -9.95
N ALA A 10 -13.69 -4.81 -9.73
CA ALA A 10 -12.71 -4.20 -8.80
C ALA A 10 -12.26 -2.81 -9.33
N ALA A 11 -11.95 -2.74 -10.63
CA ALA A 11 -11.53 -1.48 -11.26
C ALA A 11 -12.63 -0.40 -11.17
N GLU A 12 -13.87 -0.80 -11.47
CA GLU A 12 -15.00 0.11 -11.43
C GLU A 12 -15.24 0.65 -10.04
N LEU A 13 -15.17 -0.23 -9.01
CA LEU A 13 -15.29 0.18 -7.62
C LEU A 13 -14.21 1.20 -7.25
N CYS A 14 -12.97 0.91 -7.67
CA CYS A 14 -11.85 1.79 -7.35
C CYS A 14 -12.02 3.15 -8.04
N TYR A 15 -12.47 3.12 -9.29
CA TYR A 15 -12.76 4.38 -9.99
C TYR A 15 -13.84 5.16 -9.21
N ASN A 16 -14.88 4.48 -8.75
CA ASN A 16 -15.96 5.17 -8.03
C ASN A 16 -15.55 5.75 -6.70
N LEU A 17 -14.78 5.01 -5.91
CA LEU A 17 -14.39 5.53 -4.60
C LEU A 17 -13.38 6.67 -4.73
N THR A 18 -12.52 6.60 -5.75
CA THR A 18 -11.50 7.63 -5.99
C THR A 18 -12.21 8.90 -6.45
N SER A 19 -13.16 8.74 -7.36
CA SER A 19 -13.96 9.90 -7.83
C SER A 19 -14.73 10.52 -6.66
N SER A 20 -15.29 9.66 -5.82
CA SER A 20 -16.00 10.08 -4.64
C SER A 20 -15.07 10.84 -3.67
N TYR A 21 -13.86 10.35 -3.48
CA TYR A 21 -12.89 11.08 -2.64
C TYR A 21 -12.62 12.49 -3.19
N LEU A 22 -12.43 12.57 -4.50
CA LEU A 22 -12.18 13.82 -5.21
C LEU A 22 -13.33 14.83 -5.13
N GLN A 23 -14.52 14.33 -4.81
CA GLN A 23 -15.72 15.19 -4.69
C GLN A 23 -15.97 15.67 -3.27
N ILE A 24 -15.17 15.20 -2.30
CA ILE A 24 -15.28 15.62 -0.91
C ILE A 24 -15.04 17.13 -0.88
N ALA A 25 -15.87 17.80 -0.08
CA ALA A 25 -15.79 19.24 0.09
C ALA A 25 -14.81 19.45 1.22
N ALA A 26 -13.70 20.12 0.92
CA ALA A 26 -12.67 20.34 1.90
C ALA A 26 -12.00 21.71 1.70
N GLU A 27 -11.55 22.30 2.81
CA GLU A 27 -10.82 23.58 2.81
C GLU A 27 -9.45 23.41 2.14
N SER A 28 -8.97 24.46 1.48
CA SER A 28 -7.69 24.40 0.77
C SER A 28 -6.47 23.97 1.63
N ASP A 29 -6.45 24.31 2.92
CA ASP A 29 -5.34 23.95 3.82
C ASP A 29 -5.53 22.62 4.61
N SER A 30 -6.48 21.79 4.16
CA SER A 30 -6.80 20.53 4.85
C SER A 30 -6.01 19.37 4.29
N ILE A 31 -5.89 18.31 5.09
CA ILE A 31 -5.27 17.04 4.68
C ILE A 31 -6.01 16.45 3.47
N ILE A 32 -7.35 16.46 3.50
CA ILE A 32 -8.15 15.95 2.38
C ILE A 32 -7.87 16.70 1.07
N ALA A 33 -7.83 18.05 1.11
CA ALA A 33 -7.50 18.80 -0.11
C ALA A 33 -6.10 18.43 -0.65
N GLN A 34 -5.15 18.33 0.24
CA GLN A 34 -3.79 17.94 -0.13
C GLN A 34 -3.78 16.54 -0.78
N THR A 35 -4.58 15.64 -0.20
CA THR A 35 -4.72 14.28 -0.73
C THR A 35 -5.38 14.30 -2.12
N GLN A 36 -6.43 15.11 -2.29
CA GLN A 36 -7.05 15.26 -3.61
C GLN A 36 -6.03 15.71 -4.66
N ARG A 37 -5.22 16.71 -4.32
CA ARG A 37 -4.14 17.17 -5.20
C ARG A 37 -3.15 16.05 -5.54
N ALA A 38 -2.77 15.26 -4.52
CA ALA A 38 -1.84 14.13 -4.69
C ALA A 38 -2.46 13.11 -5.66
N ILE A 39 -3.75 12.85 -5.48
CA ILE A 39 -4.48 11.92 -6.37
C ILE A 39 -4.49 12.38 -7.82
N ASN A 40 -4.77 13.66 -8.03
CA ASN A 40 -4.72 14.23 -9.37
C ASN A 40 -3.34 14.07 -10.06
N THR A 41 -2.26 14.33 -9.32
CA THR A 41 -0.89 14.15 -9.85
C THR A 41 -0.66 12.68 -10.22
N THR A 42 -1.06 11.78 -9.33
CA THR A 42 -0.93 10.34 -9.56
C THR A 42 -1.71 9.90 -10.80
N LYS A 43 -2.96 10.36 -10.91
CA LYS A 43 -3.78 10.05 -12.10
C LYS A 43 -3.12 10.55 -13.38
N SER A 44 -2.59 11.75 -13.34
CA SER A 44 -1.96 12.30 -14.52
C SER A 44 -0.79 11.44 -14.94
N ILE A 45 0.04 11.05 -13.96
CA ILE A 45 1.20 10.20 -14.24
C ILE A 45 0.82 8.88 -14.92
N LEU A 46 -0.24 8.24 -14.42
CA LEU A 46 -0.67 7.00 -15.02
C LEU A 46 -1.37 7.18 -16.36
N ILE A 47 -2.39 8.02 -16.39
CA ILE A 47 -3.21 8.18 -17.61
C ILE A 47 -2.43 8.88 -18.71
N ASN A 48 -1.70 9.92 -18.36
CA ASN A 48 -1.04 10.75 -19.36
C ASN A 48 0.36 10.30 -19.72
N GLU A 49 1.13 9.86 -18.72
CA GLU A 49 2.53 9.55 -18.95
C GLU A 49 2.87 8.06 -19.03
N THR A 50 2.04 7.19 -18.45
CA THR A 50 2.37 5.78 -18.36
C THR A 50 1.64 4.94 -19.38
N PHE A 51 0.32 4.88 -19.27
CA PHE A 51 -0.50 4.00 -20.13
C PHE A 51 -0.30 4.18 -21.67
N PRO A 52 -0.15 5.42 -22.17
CA PRO A 52 0.11 5.62 -23.61
C PRO A 52 1.44 5.02 -24.08
N LYS A 53 2.39 4.81 -23.17
CA LYS A 53 3.70 4.25 -23.49
C LYS A 53 3.82 2.75 -23.23
N TRP A 54 3.28 2.29 -22.11
CA TRP A 54 3.32 0.87 -21.82
C TRP A 54 1.92 0.38 -21.55
N SER A 55 1.55 -0.68 -22.25
CA SER A 55 0.25 -1.30 -22.14
C SER A 55 0.08 -2.07 -20.81
N PRO A 56 -0.90 -1.67 -20.00
CA PRO A 56 -1.17 -2.42 -18.76
C PRO A 56 -1.91 -3.75 -18.95
N LEU A 57 -2.25 -4.08 -20.19
CA LEU A 57 -3.09 -5.24 -20.50
C LEU A 57 -2.37 -6.50 -20.99
N ASN A 58 -1.29 -6.32 -21.74
CA ASN A 58 -0.61 -7.41 -22.42
C ASN A 58 0.58 -8.04 -21.69
N GLY A 59 0.80 -7.62 -20.45
CA GLY A 59 1.94 -8.14 -19.71
C GLY A 59 3.16 -7.24 -19.73
N GLU A 60 3.10 -6.13 -20.46
CA GLU A 60 4.21 -5.16 -20.43
C GLU A 60 4.46 -4.55 -19.03
N ILE A 61 3.38 -4.44 -18.24
CA ILE A 61 3.48 -3.85 -16.90
C ILE A 61 3.13 -4.89 -15.84
N SER A 62 4.02 -5.04 -14.86
CA SER A 62 3.74 -5.84 -13.68
C SER A 62 3.67 -4.87 -12.48
N PHE A 63 2.91 -5.25 -11.45
CA PHE A 63 2.64 -4.37 -10.32
C PHE A 63 3.37 -4.91 -9.08
N SER A 64 4.29 -4.13 -8.53
CA SER A 64 5.08 -4.56 -7.38
C SER A 64 4.24 -4.47 -6.13
N TYR A 65 3.98 -5.61 -5.51
CA TYR A 65 2.99 -5.70 -4.45
C TYR A 65 3.49 -6.37 -3.16
N ASN A 66 3.35 -5.72 -2.01
CA ASN A 66 3.75 -6.35 -0.74
C ASN A 66 2.71 -6.17 0.37
N GLY A 67 1.50 -5.71 -0.01
CA GLY A 67 0.39 -5.63 0.94
C GLY A 67 0.42 -4.46 1.93
N GLY A 68 1.46 -3.62 1.85
CA GLY A 68 1.59 -2.50 2.78
C GLY A 68 0.70 -1.32 2.42
N LYS A 69 0.69 -0.28 3.25
CA LYS A 69 -0.16 0.90 2.99
C LYS A 69 0.11 1.59 1.62
N ASP A 70 1.38 1.75 1.24
CA ASP A 70 1.72 2.39 -0.05
C ASP A 70 1.16 1.59 -1.19
N CYS A 71 1.39 0.26 -1.12
CA CYS A 71 0.94 -0.72 -2.12
CA CYS A 71 0.93 -0.70 -2.12
C CYS A 71 -0.58 -0.65 -2.32
N GLN A 72 -1.31 -0.69 -1.22
CA GLN A 72 -2.75 -0.68 -1.35
C GLN A 72 -3.31 0.63 -1.93
N VAL A 73 -2.80 1.76 -1.46
CA VAL A 73 -3.23 3.05 -2.05
C VAL A 73 -2.91 3.03 -3.55
N LEU A 74 -1.68 2.68 -3.91
CA LEU A 74 -1.34 2.68 -5.34
C LEU A 74 -2.25 1.69 -6.12
N LEU A 75 -2.53 0.51 -5.55
CA LEU A 75 -3.37 -0.49 -6.24
C LEU A 75 -4.76 0.10 -6.52
N LEU A 76 -5.38 0.71 -5.51
CA LEU A 76 -6.69 1.35 -5.68
C LEU A 76 -6.66 2.44 -6.77
N LEU A 77 -5.66 3.32 -6.71
CA LEU A 77 -5.50 4.35 -7.78
C LEU A 77 -5.17 3.79 -9.19
N TYR A 78 -4.35 2.75 -9.24
CA TYR A 78 -3.99 2.07 -10.48
C TYR A 78 -5.25 1.46 -11.09
N LEU A 79 -6.01 0.74 -10.26
CA LEU A 79 -7.28 0.14 -10.73
C LEU A 79 -8.27 1.20 -11.20
N SER A 80 -8.37 2.32 -10.46
CA SER A 80 -9.18 3.48 -10.85
C SER A 80 -8.79 3.98 -12.26
N CYS A 81 -7.49 4.17 -12.48
CA CYS A 81 -7.01 4.70 -13.77
C CYS A 81 -7.15 3.70 -14.94
N LEU A 82 -7.12 2.41 -14.63
CA LEU A 82 -7.38 1.38 -15.66
C LEU A 82 -8.82 1.52 -16.16
N TRP A 83 -9.74 1.71 -15.22
CA TRP A 83 -11.15 1.86 -15.56
C TRP A 83 -11.31 3.16 -16.32
N GLU A 84 -10.71 4.25 -15.83
CA GLU A 84 -10.86 5.58 -16.48
C GLU A 84 -10.33 5.59 -17.90
N TYR A 85 -9.16 5.00 -18.09
CA TYR A 85 -8.48 4.96 -19.37
C TYR A 85 -9.23 4.12 -20.41
N TYR A 86 -9.68 2.94 -20.00
CA TYR A 86 -10.35 2.02 -20.90
C TYR A 86 -11.86 2.19 -21.03
N ILE A 87 -12.53 2.64 -19.95
CA ILE A 87 -13.99 2.81 -19.94
C ILE A 87 -14.33 4.28 -19.80
N LEU A 107 -4.28 -8.98 -14.03
CA LEU A 107 -3.40 -7.98 -13.37
C LEU A 107 -2.18 -8.66 -12.73
N PRO A 108 -1.11 -8.81 -13.50
CA PRO A 108 0.15 -9.38 -13.03
C PRO A 108 0.72 -8.60 -11.85
N THR A 109 0.99 -9.32 -10.76
CA THR A 109 1.52 -8.75 -9.54
C THR A 109 2.77 -9.52 -9.12
N VAL A 110 3.73 -8.84 -8.49
CA VAL A 110 4.95 -9.51 -8.03
C VAL A 110 5.30 -9.10 -6.61
N PHE A 111 5.44 -10.11 -5.76
CA PHE A 111 5.79 -9.90 -4.37
C PHE A 111 7.11 -10.62 -4.14
N ILE A 112 8.11 -9.91 -3.59
CA ILE A 112 9.36 -10.54 -3.20
C ILE A 112 9.21 -10.93 -1.73
N ASP A 113 9.06 -12.23 -1.51
CA ASP A 113 8.76 -12.78 -0.20
C ASP A 113 10.05 -12.94 0.57
N HIS A 114 9.97 -12.79 1.89
CA HIS A 114 11.12 -12.98 2.80
C HIS A 114 10.76 -13.91 3.96
N ASP A 115 11.79 -14.56 4.52
CA ASP A 115 11.58 -15.53 5.58
C ASP A 115 11.11 -14.89 6.88
N ASP A 116 11.28 -13.59 6.97
CA ASP A 116 10.93 -12.87 8.20
C ASP A 116 9.71 -11.92 8.06
N THR A 117 8.81 -12.24 7.12
CA THR A 117 7.63 -11.40 6.87
C THR A 117 6.59 -11.75 7.92
N PHE A 118 5.88 -10.76 8.42
CA PHE A 118 4.79 -10.98 9.33
C PHE A 118 3.76 -11.91 8.70
N LYS A 119 3.33 -12.89 9.48
CA LYS A 119 2.28 -13.77 8.99
C LYS A 119 1.00 -12.95 8.60
N THR A 120 0.69 -11.91 9.38
CA THR A 120 -0.53 -11.14 9.05
C THR A 120 -0.39 -10.50 7.68
N LEU A 121 0.82 -10.08 7.35
CA LEU A 121 1.07 -9.52 6.00
C LEU A 121 0.96 -10.59 4.91
N GLU A 122 1.54 -11.78 5.11
CA GLU A 122 1.41 -12.89 4.15
C GLU A 122 -0.08 -13.21 3.84
N ASN A 123 -0.85 -13.36 4.90
CA ASN A 123 -2.28 -13.59 4.83
C ASN A 123 -2.96 -12.48 4.04
N PHE A 124 -2.63 -11.25 4.39
CA PHE A 124 -3.22 -10.10 3.73
C PHE A 124 -2.94 -10.08 2.22
N ILE A 125 -1.69 -10.33 1.84
CA ILE A 125 -1.33 -10.40 0.41
C ILE A 125 -2.19 -11.44 -0.33
N GLU A 126 -2.36 -12.61 0.27
CA GLU A 126 -3.19 -13.67 -0.30
C GLU A 126 -4.66 -13.25 -0.44
N GLU A 127 -5.22 -12.73 0.65
CA GLU A 127 -6.61 -12.27 0.69
C GLU A 127 -6.90 -11.18 -0.34
N THR A 128 -6.03 -10.18 -0.43
CA THR A 128 -6.24 -9.10 -1.40
C THR A 128 -6.00 -9.51 -2.87
N SER A 129 -5.07 -10.44 -3.09
CA SER A 129 -4.90 -11.05 -4.42
C SER A 129 -6.22 -11.68 -4.88
N LEU A 130 -6.91 -12.34 -3.96
CA LEU A 130 -8.26 -12.88 -4.26
C LEU A 130 -9.28 -11.77 -4.47
N ARG A 131 -9.27 -10.82 -3.56
CA ARG A 131 -10.27 -9.75 -3.58
C ARG A 131 -10.24 -9.00 -4.90
N TYR A 132 -9.04 -8.65 -5.37
CA TYR A 132 -8.93 -7.80 -6.55
C TYR A 132 -8.64 -8.55 -7.85
N SER A 133 -8.77 -9.88 -7.81
CA SER A 133 -8.46 -10.74 -8.96
C SER A 133 -7.07 -10.49 -9.55
N LEU A 134 -6.08 -10.46 -8.67
CA LEU A 134 -4.70 -10.23 -9.12
C LEU A 134 -4.11 -11.57 -9.56
N SER A 135 -3.03 -11.52 -10.34
CA SER A 135 -2.27 -12.71 -10.76
C SER A 135 -0.91 -12.66 -10.05
N LEU A 136 -0.87 -13.27 -8.88
CA LEU A 136 0.25 -13.10 -7.97
C LEU A 136 1.42 -14.04 -8.27
N TYR A 137 2.59 -13.46 -8.44
CA TYR A 137 3.85 -14.19 -8.48
C TYR A 137 4.56 -13.84 -7.15
N GLU A 138 5.04 -14.87 -6.45
CA GLU A 138 5.86 -14.66 -5.27
C GLU A 138 7.22 -15.28 -5.47
N SER A 139 8.25 -14.56 -5.06
CA SER A 139 9.62 -15.12 -5.08
C SER A 139 9.66 -16.13 -3.95
N ASP A 140 10.74 -16.91 -3.90
CA ASP A 140 10.88 -17.95 -2.91
C ASP A 140 11.46 -17.44 -1.59
N ARG A 141 10.63 -17.39 -0.55
CA ARG A 141 11.07 -16.85 0.75
C ARG A 141 12.21 -17.68 1.37
N ASP A 142 12.37 -18.92 0.92
CA ASP A 142 13.41 -19.83 1.47
C ASP A 142 14.71 -19.80 0.67
N LYS A 143 14.76 -18.95 -0.35
CA LYS A 143 16.00 -18.75 -1.11
C LYS A 143 16.70 -17.47 -0.63
N CYS A 144 17.96 -17.59 -0.26
CA CYS A 144 18.74 -16.45 0.21
C CYS A 144 19.21 -15.67 -1.01
N GLU A 145 18.56 -14.54 -1.29
CA GLU A 145 18.89 -13.76 -2.46
C GLU A 145 18.53 -12.29 -2.26
N THR A 146 19.15 -11.44 -3.07
CA THR A 146 18.81 -10.02 -3.04
C THR A 146 17.56 -9.76 -3.88
N MET A 147 16.98 -8.58 -3.69
CA MET A 147 15.75 -8.21 -4.40
C MET A 147 16.02 -8.21 -5.89
N ALA A 148 17.16 -7.63 -6.29
CA ALA A 148 17.56 -7.63 -7.70
C ALA A 148 17.61 -9.06 -8.21
N GLU A 149 18.21 -9.97 -7.45
CA GLU A 149 18.32 -11.37 -7.91
C GLU A 149 16.95 -12.02 -8.07
N ALA A 150 16.06 -11.76 -7.11
CA ALA A 150 14.67 -12.27 -7.18
C ALA A 150 13.95 -11.72 -8.41
N PHE A 151 14.18 -10.44 -8.72
CA PHE A 151 13.54 -9.85 -9.90
C PHE A 151 14.10 -10.41 -11.20
N GLU A 152 15.40 -10.74 -11.20
CA GLU A 152 16.03 -11.33 -12.39
C GLU A 152 15.33 -12.65 -12.74
N THR A 153 15.13 -13.49 -11.73
CA THR A 153 14.38 -14.74 -11.88
C THR A 153 12.96 -14.47 -12.38
N PHE A 154 12.31 -13.47 -11.80
CA PHE A 154 11.00 -13.04 -12.25
C PHE A 154 11.00 -12.64 -13.76
N LEU A 155 12.03 -11.93 -14.21
CA LEU A 155 12.18 -11.57 -15.64
C LEU A 155 12.26 -12.83 -16.50
N GLN A 156 12.97 -13.84 -16.01
CA GLN A 156 13.12 -15.08 -16.75
C GLN A 156 11.73 -15.69 -17.00
N VAL A 157 10.90 -15.70 -15.96
CA VAL A 157 9.52 -16.20 -16.06
C VAL A 157 8.63 -15.31 -16.96
N PHE A 158 8.76 -13.99 -16.81
CA PHE A 158 7.98 -13.05 -17.61
C PHE A 158 8.85 -12.10 -18.47
N PRO A 159 9.50 -12.64 -19.51
CA PRO A 159 10.45 -11.86 -20.38
C PRO A 159 9.85 -10.70 -21.19
N GLU A 160 8.52 -10.58 -21.20
CA GLU A 160 7.82 -9.52 -21.91
C GLU A 160 7.62 -8.26 -21.03
N THR A 161 8.06 -8.33 -19.77
CA THR A 161 7.88 -7.21 -18.84
C THR A 161 8.77 -6.08 -19.24
N LYS A 162 8.17 -4.91 -19.48
CA LYS A 162 8.96 -3.71 -19.81
C LYS A 162 9.04 -2.74 -18.63
N ALA A 163 8.04 -2.80 -17.76
CA ALA A 163 7.88 -1.82 -16.69
C ALA A 163 7.25 -2.44 -15.44
N ILE A 164 7.61 -1.87 -14.29
CA ILE A 164 7.07 -2.33 -13.00
C ILE A 164 6.62 -1.13 -12.14
N VAL A 165 5.39 -1.24 -11.62
CA VAL A 165 4.77 -0.17 -10.81
C VAL A 165 5.21 -0.35 -9.35
N ILE A 166 5.75 0.71 -8.77
CA ILE A 166 6.30 0.70 -7.38
C ILE A 166 5.70 1.85 -6.58
N GLY A 167 5.12 1.53 -5.43
CA GLY A 167 4.39 2.54 -4.64
C GLY A 167 5.20 3.33 -3.62
N ILE A 168 6.53 3.35 -3.81
CA ILE A 168 7.40 3.99 -2.84
C ILE A 168 7.14 5.50 -2.78
N ARG A 169 7.31 6.10 -1.61
CA ARG A 169 7.20 7.56 -1.44
C ARG A 169 8.60 8.18 -1.27
N HIS A 170 8.76 9.47 -1.61
CA HIS A 170 10.04 10.16 -1.35
C HIS A 170 10.47 10.08 0.14
N THR A 171 9.49 10.00 1.06
CA THR A 171 9.78 9.93 2.50
C THR A 171 10.21 8.53 2.99
N ASP A 172 9.95 7.50 2.17
CA ASP A 172 10.42 6.16 2.43
C ASP A 172 11.94 6.08 2.31
N PRO A 173 12.57 5.08 2.99
CA PRO A 173 14.02 4.90 2.81
C PRO A 173 14.36 4.72 1.36
N PHE A 174 15.45 5.36 0.95
CA PHE A 174 15.92 5.30 -0.44
C PHE A 174 14.91 5.92 -1.43
N GLY A 175 13.99 6.74 -0.92
CA GLY A 175 12.99 7.40 -1.77
C GLY A 175 13.43 8.74 -2.37
N GLU A 176 14.53 9.31 -1.88
CA GLU A 176 14.91 10.67 -2.27
C GLU A 176 15.17 10.88 -3.77
N HIS A 177 16.04 10.05 -4.34
CA HIS A 177 16.49 10.25 -5.74
C HIS A 177 15.77 9.32 -6.70
N LEU A 178 14.44 9.49 -6.71
CA LEU A 178 13.57 8.76 -7.60
C LEU A 178 12.73 9.74 -8.39
N LYS A 179 12.26 9.30 -9.54
CA LYS A 179 11.42 10.07 -10.43
C LYS A 179 10.27 9.15 -10.81
N PRO A 180 9.14 9.71 -11.25
CA PRO A 180 7.94 8.93 -11.63
C PRO A 180 8.19 7.86 -12.72
N ILE A 181 9.13 8.14 -13.63
CA ILE A 181 9.50 7.20 -14.70
C ILE A 181 11.01 7.17 -14.66
N GLN A 182 11.56 5.98 -14.43
CA GLN A 182 13.00 5.87 -14.19
C GLN A 182 13.49 4.44 -14.42
N LYS A 183 14.51 4.27 -15.27
CA LYS A 183 15.08 2.93 -15.48
C LYS A 183 15.68 2.35 -14.21
N THR A 184 15.67 1.03 -14.12
CA THR A 184 16.25 0.32 -12.98
C THR A 184 17.77 0.52 -12.92
N ASP A 185 18.35 0.25 -11.76
CA ASP A 185 19.81 0.28 -11.61
C ASP A 185 20.46 -0.84 -12.43
N ALA A 186 21.74 -0.69 -12.72
CA ALA A 186 22.52 -1.64 -13.53
C ALA A 186 22.49 -3.11 -13.07
N ASN A 187 22.37 -3.35 -11.76
CA ASN A 187 22.34 -4.72 -11.25
C ASN A 187 20.95 -5.36 -11.22
N TRP A 188 19.95 -4.65 -11.72
CA TRP A 188 18.60 -5.17 -11.81
C TRP A 188 18.28 -5.70 -13.22
N PRO A 189 17.23 -6.51 -13.36
CA PRO A 189 16.83 -6.69 -14.75
C PRO A 189 16.44 -5.33 -15.33
N ASP A 190 16.48 -5.23 -16.65
CA ASP A 190 16.20 -3.98 -17.37
C ASP A 190 14.72 -3.67 -17.49
N PHE A 191 14.19 -2.84 -16.60
CA PHE A 191 12.84 -2.37 -16.77
C PHE A 191 12.69 -0.89 -16.39
N TYR A 192 11.59 -0.29 -16.80
CA TYR A 192 11.27 1.06 -16.33
C TYR A 192 10.54 0.94 -14.99
N ARG A 193 11.01 1.65 -13.98
CA ARG A 193 10.23 1.78 -12.76
C ARG A 193 9.17 2.86 -12.99
N LEU A 194 7.92 2.58 -12.61
CA LEU A 194 6.80 3.51 -12.71
C LEU A 194 6.45 3.82 -11.26
N GLN A 195 6.72 5.06 -10.85
CA GLN A 195 6.64 5.43 -9.42
C GLN A 195 5.69 6.63 -9.29
N PRO A 196 4.38 6.35 -9.26
CA PRO A 196 3.35 7.40 -9.28
C PRO A 196 2.89 7.92 -7.90
N LEU A 197 3.51 7.42 -6.84
CA LEU A 197 3.12 7.76 -5.47
C LEU A 197 4.19 8.59 -4.74
N LEU A 198 5.21 9.05 -5.48
CA LEU A 198 6.37 9.69 -4.80
C LEU A 198 6.07 10.91 -3.91
N HIS A 199 5.15 11.75 -4.39
CA HIS A 199 4.74 12.99 -3.73
C HIS A 199 3.76 12.77 -2.56
N TRP A 200 3.29 11.54 -2.33
CA TRP A 200 2.40 11.27 -1.20
C TRP A 200 3.13 11.33 0.13
N ASN A 201 2.44 11.83 1.16
CA ASN A 201 2.95 11.84 2.54
C ASN A 201 2.10 10.88 3.34
N LEU A 202 2.59 10.55 4.54
CA LEU A 202 1.92 9.58 5.41
C LEU A 202 0.45 9.98 5.67
N ALA A 203 0.19 11.25 5.95
CA ALA A 203 -1.17 11.73 6.19
C ALA A 203 -2.13 11.46 5.03
N ASN A 204 -1.61 11.61 3.79
CA ASN A 204 -2.43 11.40 2.58
C ASN A 204 -2.75 9.91 2.40
N ILE A 205 -1.74 9.07 2.65
CA ILE A 205 -1.92 7.62 2.64
C ILE A 205 -3.06 7.22 3.60
N TRP A 206 -2.96 7.62 4.86
CA TRP A 206 -4.03 7.27 5.83
C TRP A 206 -5.41 7.81 5.43
N SER A 207 -5.48 9.08 5.03
CA SER A 207 -6.74 9.70 4.68
C SER A 207 -7.47 8.93 3.56
N PHE A 208 -6.77 8.67 2.45
CA PHE A 208 -7.37 7.91 1.32
C PHE A 208 -7.73 6.47 1.72
N LEU A 209 -6.78 5.79 2.35
CA LEU A 209 -7.07 4.43 2.80
C LEU A 209 -8.29 4.27 3.71
N LEU A 210 -8.37 5.14 4.71
CA LEU A 210 -9.48 5.08 5.66
C LEU A 210 -10.79 5.37 4.97
N TYR A 211 -10.79 6.41 4.12
CA TYR A 211 -11.98 6.71 3.32
C TYR A 211 -12.43 5.59 2.40
N SER A 212 -11.48 4.87 1.78
CA SER A 212 -11.81 3.87 0.75
C SER A 212 -12.72 2.73 1.31
N ASN A 213 -12.65 2.49 2.63
CA ASN A 213 -13.38 1.40 3.30
C ASN A 213 -12.99 0.02 2.71
N GLU A 214 -11.77 -0.02 2.16
CA GLU A 214 -11.17 -1.27 1.64
C GLU A 214 -10.39 -1.94 2.78
N PRO A 215 -10.15 -3.27 2.68
CA PRO A 215 -9.43 -3.92 3.79
C PRO A 215 -7.98 -3.47 3.78
N ILE A 216 -7.42 -3.22 4.96
CA ILE A 216 -6.01 -2.85 5.06
C ILE A 216 -5.35 -3.85 6.01
N CYS A 217 -4.03 -3.97 5.93
CA CYS A 217 -3.33 -4.93 6.76
C CYS A 217 -3.65 -4.56 8.22
N GLU A 218 -4.29 -5.49 8.92
CA GLU A 218 -4.76 -5.20 10.29
C GLU A 218 -3.67 -4.95 11.33
N LEU A 219 -2.40 -5.21 11.03
CA LEU A 219 -1.32 -4.80 11.95
C LEU A 219 -1.34 -3.28 12.21
N TYR A 220 -1.73 -2.48 11.23
CA TYR A 220 -1.84 -1.03 11.46
C TYR A 220 -2.80 -0.70 12.58
N ARG A 221 -3.90 -1.46 12.68
CA ARG A 221 -4.90 -1.20 13.71
C ARG A 221 -4.32 -1.35 15.14
N TYR A 222 -3.24 -2.12 15.28
CA TYR A 222 -2.63 -2.43 16.58
C TYR A 222 -1.44 -1.53 16.94
N GLY A 223 -1.18 -0.51 16.12
CA GLY A 223 -0.15 0.45 16.49
C GLY A 223 1.07 0.44 15.58
N PHE A 224 1.10 -0.49 14.64
CA PHE A 224 2.19 -0.49 13.67
C PHE A 224 2.00 0.66 12.69
N THR A 225 3.08 1.38 12.40
CA THR A 225 3.11 2.41 11.36
C THR A 225 3.99 2.00 10.14
N SER A 226 4.75 0.92 10.30
CA SER A 226 5.55 0.31 9.22
C SER A 226 5.61 -1.18 9.53
N LEU A 227 5.91 -1.97 8.51
CA LEU A 227 5.84 -3.41 8.59
C LEU A 227 7.12 -4.19 8.32
C LEU A 227 7.19 -3.70 7.96
N GLY A 228 8.26 -3.55 8.57
N GLY A 228 8.23 -3.80 8.80
CA GLY A 228 9.59 -4.11 8.28
CA GLY A 228 9.56 -4.12 8.30
C GLY A 228 9.74 -5.62 8.26
N ASN A 229 10.03 -6.21 9.40
CA ASN A 229 10.12 -7.66 9.51
C ASN A 229 9.77 -8.06 10.93
N VAL A 230 9.52 -9.35 11.16
CA VAL A 230 9.06 -9.85 12.45
C VAL A 230 10.05 -9.66 13.58
N GLU A 231 11.35 -9.70 13.27
CA GLU A 231 12.35 -9.54 14.31
C GLU A 231 12.57 -8.09 14.74
N GLU A 232 12.50 -7.15 13.80
CA GLU A 232 12.88 -5.78 14.13
C GLU A 232 11.72 -4.84 14.42
N THR A 233 10.52 -5.15 13.92
CA THR A 233 9.42 -4.16 13.96
C THR A 233 8.51 -4.25 15.18
N LEU A 234 8.21 -3.09 15.78
CA LEU A 234 7.35 -3.06 16.96
C LEU A 234 6.23 -2.03 16.71
N PRO A 235 5.12 -2.11 17.45
CA PRO A 235 4.19 -0.98 17.37
C PRO A 235 4.96 0.31 17.71
N ASN A 236 4.51 1.43 17.15
CA ASN A 236 5.24 2.68 17.23
C ASN A 236 5.18 3.28 18.63
N PRO A 237 6.35 3.50 19.27
CA PRO A 237 6.37 4.01 20.67
C PRO A 237 5.72 5.37 20.84
N HIS A 238 5.69 6.17 19.77
CA HIS A 238 4.98 7.44 19.74
C HIS A 238 3.48 7.28 19.87
N LEU A 239 2.98 6.07 19.60
CA LEU A 239 1.54 5.76 19.68
C LEU A 239 1.15 4.97 20.93
N ARG A 240 2.11 4.78 21.83
CA ARG A 240 1.83 4.08 23.07
C ARG A 240 0.84 4.87 23.96
N LYS A 241 -0.16 4.17 24.47
CA LYS A 241 -1.15 4.82 25.34
C LYS A 241 -0.64 4.88 26.78
N ASP A 242 -0.76 6.06 27.37
CA ASP A 242 -0.29 6.28 28.72
C ASP A 242 -1.12 7.37 29.39
N LYS A 243 -1.68 7.04 30.55
CA LYS A 243 -2.49 7.96 31.35
C LYS A 243 -1.80 9.31 31.57
N ASN A 244 -0.47 9.32 31.46
CA ASN A 244 0.36 10.49 31.74
C ASN A 244 0.93 11.20 30.49
N SER A 245 0.48 10.78 29.31
CA SER A 245 0.83 11.44 28.06
C SER A 245 -0.40 12.20 27.59
N THR A 246 -0.19 13.29 26.86
CA THR A 246 -1.32 13.98 26.27
C THR A 246 -1.95 13.02 25.25
N PRO A 247 -3.26 12.74 25.38
CA PRO A 247 -3.91 11.88 24.39
C PRO A 247 -3.73 12.45 23.00
N LEU A 248 -3.57 11.57 22.02
CA LEU A 248 -3.42 11.96 20.62
C LEU A 248 -4.76 12.22 19.96
N LYS A 249 -4.76 13.19 19.05
CA LYS A 249 -5.95 13.56 18.34
C LYS A 249 -5.96 12.85 16.98
N LEU A 250 -7.17 12.57 16.51
CA LEU A 250 -7.40 11.87 15.25
C LEU A 250 -7.63 12.90 14.15
N ASN A 251 -6.83 12.83 13.08
CA ASN A 251 -6.96 13.76 11.96
C ASN A 251 -7.89 13.25 10.87
N PHE A 252 -8.39 12.01 11.03
CA PHE A 252 -9.19 11.36 9.98
C PHE A 252 -10.61 10.98 10.37
N GLU A 253 -11.16 11.74 11.33
CA GLU A 253 -12.53 11.52 11.80
C GLU A 253 -13.53 11.58 10.66
N TRP A 254 -13.42 12.58 9.79
CA TRP A 254 -14.42 12.71 8.73
C TRP A 254 -14.38 11.50 7.79
N GLU A 255 -13.18 11.16 7.34
CA GLU A 255 -12.95 10.05 6.43
C GLU A 255 -13.51 8.75 6.98
N ILE A 256 -13.27 8.48 8.25
CA ILE A 256 -13.72 7.22 8.88
C ILE A 256 -15.26 7.24 8.99
N GLU A 257 -15.80 8.33 9.52
CA GLU A 257 -17.23 8.48 9.71
C GLU A 257 -18.04 8.51 8.43
N ASN A 258 -17.42 8.91 7.33
CA ASN A 258 -18.09 9.06 6.04
C ASN A 258 -17.45 8.22 4.96
N ARG A 259 -16.88 7.08 5.37
CA ARG A 259 -16.13 6.23 4.46
C ARG A 259 -17.05 5.66 3.38
N TYR A 260 -16.44 5.32 2.24
CA TYR A 260 -17.16 4.96 1.03
C TYR A 260 -18.06 3.78 1.29
N LYS A 261 -19.36 3.97 1.07
CA LYS A 261 -20.30 2.90 1.36
C LYS A 261 -20.36 1.94 0.17
N HIS A 262 -20.08 0.67 0.44
CA HIS A 262 -20.09 -0.35 -0.62
C HIS A 262 -21.47 -0.98 -0.83
N ASN A 263 -21.70 -1.45 -2.05
CA ASN A 263 -22.91 -2.21 -2.33
C ASN A 263 -22.69 -3.69 -2.01
N GLU A 264 -23.72 -4.50 -2.24
CA GLU A 264 -23.72 -5.96 -1.98
C GLU A 264 -22.60 -6.76 -2.68
N VAL A 265 -22.35 -6.45 -3.94
CA VAL A 265 -21.23 -7.04 -4.71
C VAL A 265 -19.87 -6.76 -4.04
N THR A 266 -19.65 -5.50 -3.63
CA THR A 266 -18.33 -5.02 -3.23
C THR A 266 -18.01 -5.01 -1.73
N LYS A 267 -18.96 -5.41 -0.87
CA LYS A 267 -18.75 -5.39 0.57
C LYS A 267 -17.51 -6.14 1.06
N ALA A 268 -16.82 -5.51 2.00
CA ALA A 268 -15.59 -6.04 2.56
C ALA A 268 -15.70 -6.02 4.06
N GLU A 269 -14.82 -6.79 4.69
CA GLU A 269 -14.71 -6.88 6.14
C GLU A 269 -13.23 -7.00 6.45
N PRO A 270 -12.79 -6.41 7.59
CA PRO A 270 -11.41 -6.59 7.92
C PRO A 270 -11.12 -8.05 8.20
N ILE A 271 -9.87 -8.44 8.01
CA ILE A 271 -9.49 -9.80 8.36
C ILE A 271 -8.59 -9.68 9.59
N PRO A 272 -8.97 -10.35 10.69
CA PRO A 272 -8.20 -10.23 11.91
C PRO A 272 -6.74 -10.64 11.71
N ILE A 273 -5.87 -10.08 12.53
CA ILE A 273 -4.44 -10.42 12.47
C ILE A 273 -4.21 -11.91 12.80
N ALA A 274 -3.08 -12.43 12.35
CA ALA A 274 -2.70 -13.80 12.62
C ALA A 274 -2.59 -14.03 14.12
N ASP A 275 -3.03 -15.21 14.55
CA ASP A 275 -2.92 -15.62 15.95
C ASP A 275 -1.54 -15.34 16.53
N GLU A 276 -0.50 -15.73 15.80
CA GLU A 276 0.87 -15.57 16.24
C GLU A 276 1.22 -14.07 16.48
N ASP A 277 0.69 -13.19 15.63
CA ASP A 277 0.94 -11.75 15.79
C ASP A 277 0.14 -11.15 16.96
N LEU A 278 -1.09 -11.58 17.15
CA LEU A 278 -1.82 -11.13 18.37
C LEU A 278 -1.07 -11.54 19.65
N VAL A 279 -0.52 -12.76 19.69
CA VAL A 279 0.22 -13.20 20.88
C VAL A 279 1.41 -12.29 21.13
N LYS A 280 2.11 -11.89 20.06
CA LYS A 280 3.27 -10.98 20.15
C LYS A 280 2.84 -9.59 20.66
N ILE A 281 1.75 -9.07 20.11
CA ILE A 281 1.19 -7.79 20.59
C ILE A 281 0.72 -7.83 22.08
N GLU A 282 -0.01 -8.88 22.44
CA GLU A 282 -0.50 -9.05 23.80
C GLU A 282 0.66 -9.15 24.79
N ASN A 283 1.73 -9.83 24.37
CA ASN A 283 2.94 -9.98 25.20
C ASN A 283 3.62 -8.67 25.63
N LEU A 284 3.37 -7.58 24.90
CA LEU A 284 3.93 -6.28 25.23
C LEU A 284 3.34 -5.69 26.52
N HIS A 285 2.13 -6.11 26.89
CA HIS A 285 1.35 -5.58 28.01
C HIS A 285 1.22 -4.04 27.93
N GLU A 286 1.03 -3.52 26.72
CA GLU A 286 0.93 -2.06 26.47
C GLU A 286 -0.08 -1.91 25.36
N ASP A 287 -0.85 -0.82 25.35
CA ASP A 287 -1.80 -0.67 24.27
C ASP A 287 -1.35 0.51 23.44
N TYR A 288 -1.74 0.52 22.16
CA TYR A 288 -1.34 1.58 21.22
C TYR A 288 -2.53 2.14 20.45
N TYR A 289 -2.44 3.42 20.10
CA TYR A 289 -3.37 4.01 19.14
C TYR A 289 -3.09 3.34 17.79
N PRO A 290 -4.11 3.21 16.92
CA PRO A 290 -3.85 2.64 15.58
C PRO A 290 -2.87 3.54 14.79
N GLY A 291 -2.23 2.98 13.77
CA GLY A 291 -1.18 3.67 13.00
C GLY A 291 -1.53 5.02 12.43
N TRP A 292 -2.83 5.21 12.15
CA TRP A 292 -3.34 6.46 11.57
C TRP A 292 -3.39 7.62 12.55
N TYR A 293 -2.97 7.37 13.80
CA TYR A 293 -2.77 8.47 14.72
C TYR A 293 -1.37 9.12 14.51
N LEU A 294 -0.52 8.50 13.69
CA LEU A 294 0.78 9.06 13.31
C LEU A 294 0.71 9.78 11.96
N VAL A 295 1.12 11.05 11.92
CA VAL A 295 1.10 11.76 10.65
C VAL A 295 2.47 12.40 10.33
N ASP A 296 3.45 12.15 11.17
CA ASP A 296 4.80 12.65 10.96
C ASP A 296 5.65 11.58 10.24
N ASP A 297 5.93 11.80 8.94
CA ASP A 297 6.75 10.88 8.15
C ASP A 297 8.10 10.51 8.76
N LYS A 298 8.68 11.44 9.53
CA LYS A 298 10.00 11.23 10.15
C LYS A 298 9.94 10.14 11.20
N LEU A 299 8.76 9.88 11.72
CA LEU A 299 8.64 8.86 12.78
C LEU A 299 8.01 7.57 12.32
N GLU A 300 7.75 7.47 11.01
CA GLU A 300 7.08 6.28 10.47
C GLU A 300 7.75 4.93 10.78
N ARG A 301 9.09 4.90 10.83
CA ARG A 301 9.81 3.69 11.15
C ARG A 301 10.39 3.67 12.58
N ALA A 302 9.75 4.45 13.47
CA ALA A 302 10.22 4.57 14.87
C ALA A 302 9.98 3.31 15.71
N GLY A 303 9.03 2.47 15.30
CA GLY A 303 8.72 1.25 16.03
C GLY A 303 9.71 0.18 15.63
N ARG A 304 10.88 0.18 16.31
CA ARG A 304 11.96 -0.77 16.01
C ARG A 304 12.67 -1.26 17.28
N ILE A 305 13.12 -2.51 17.26
CA ILE A 305 13.95 -3.07 18.33
C ILE A 305 15.28 -2.31 18.38
N LYS A 306 15.73 -1.98 19.58
CA LYS A 306 17.02 -1.31 19.72
C LYS A 306 18.16 -2.29 19.36
N LYS A 307 18.96 -1.94 18.36
CA LYS A 307 20.15 -2.73 17.95
C LYS A 307 21.37 -1.84 18.10
N LYS A 308 22.56 -2.43 18.17
CA LYS A 308 23.80 -1.62 18.08
C LYS A 308 24.04 -1.23 16.63
#